data_6ZC4
#
_entry.id   6ZC4
#
_cell.length_a   76.350
_cell.length_b   76.350
_cell.length_c   72.570
_cell.angle_alpha   90.000
_cell.angle_beta   90.000
_cell.angle_gamma   90.000
#
_symmetry.space_group_name_H-M   'I 4'
#
loop_
_entity.id
_entity.type
_entity.pdbx_description
1 polymer 'Dishevelled, dsh homolog 3 (Drosophila), isoform CRA_b'
2 non-polymer '5-bromanyl-2-(5,6,7,8-tetrahydronaphthalen-2-ylsulfonylamino)benzoic acid'
3 water water
#
_entity_poly.entity_id   1
_entity_poly.type   'polypeptide(L)'
_entity_poly.pdbx_seq_one_letter_code
;AMSLNIITVTLNMEKYNFLGISIVGQSNERGDGGIYIGSIMKGGAVAADGRIEPGDMLLQVNEINFENMSNDDAVRVLRE
IVHKPGPITLTVAKS
;
_entity_poly.pdbx_strand_id   A,B
#
loop_
_chem_comp.id
_chem_comp.type
_chem_comp.name
_chem_comp.formula
QEZ non-polymer '5-bromanyl-2-(5,6,7,8-tetrahydronaphthalen-2-ylsulfonylamino)benzoic acid' 'C17 H16 Br N O4 S'
#
# COMPACT_ATOMS: atom_id res chain seq x y z
N ALA A 1 14.80 11.40 10.53
CA ALA A 1 13.84 10.45 9.90
C ALA A 1 12.44 11.06 9.93
N MET A 2 12.30 12.30 9.44
CA MET A 2 10.98 12.97 9.22
C MET A 2 10.13 12.12 8.28
N SER A 3 8.83 11.98 8.58
CA SER A 3 7.87 11.15 7.82
C SER A 3 7.78 11.64 6.37
N LEU A 4 7.68 10.69 5.42
CA LEU A 4 7.39 10.99 3.99
C LEU A 4 5.89 11.20 3.80
N ASN A 5 5.09 10.89 4.83
CA ASN A 5 3.61 11.10 4.86
C ASN A 5 2.97 10.32 3.70
N ILE A 6 3.52 9.14 3.38
CA ILE A 6 2.89 8.12 2.49
C ILE A 6 2.16 7.10 3.40
N ILE A 7 0.84 6.97 3.24
CA ILE A 7 0.03 6.00 4.03
C ILE A 7 -0.69 5.05 3.07
N THR A 8 -0.68 3.76 3.41
CA THR A 8 -1.37 2.68 2.66
C THR A 8 -2.58 2.21 3.46
N VAL A 9 -3.75 2.16 2.81
CA VAL A 9 -5.07 1.85 3.44
C VAL A 9 -5.69 0.67 2.70
N THR A 10 -5.92 -0.45 3.39
CA THR A 10 -6.63 -1.64 2.86
C THR A 10 -8.06 -1.67 3.40
N LEU A 11 -9.04 -1.60 2.50
CA LEU A 11 -10.49 -1.70 2.81
C LEU A 11 -11.01 -3.07 2.38
N ASN A 12 -11.68 -3.80 3.29
CA ASN A 12 -12.11 -5.20 3.08
C ASN A 12 -13.32 -5.22 2.12
N MET A 13 -14.19 -4.21 2.20
CA MET A 13 -15.29 -3.92 1.24
C MET A 13 -16.41 -4.97 1.38
N GLU A 14 -16.41 -5.74 2.48
CA GLU A 14 -17.42 -6.80 2.73
C GLU A 14 -18.79 -6.16 3.01
N LYS A 15 -18.79 -4.99 3.64
CA LYS A 15 -20.02 -4.35 4.20
C LYS A 15 -20.37 -3.09 3.39
N TYR A 16 -19.60 -2.79 2.34
CA TYR A 16 -19.72 -1.54 1.55
C TYR A 16 -19.72 -1.86 0.05
N ASN A 17 -20.54 -1.13 -0.71
CA ASN A 17 -20.75 -1.32 -2.17
C ASN A 17 -19.69 -0.53 -2.95
N PHE A 18 -19.13 0.51 -2.31
CA PHE A 18 -18.42 1.62 -3.00
C PHE A 18 -17.44 2.29 -2.02
N LEU A 19 -16.42 2.95 -2.58
CA LEU A 19 -15.43 3.78 -1.85
C LEU A 19 -16.14 5.03 -1.30
N GLY A 20 -17.06 5.60 -2.09
CA GLY A 20 -17.75 6.87 -1.78
C GLY A 20 -16.79 8.04 -1.79
N ILE A 21 -16.08 8.23 -2.91
CA ILE A 21 -15.16 9.38 -3.13
C ILE A 21 -15.49 10.03 -4.48
N SER A 22 -15.20 11.33 -4.61
CA SER A 22 -15.00 12.03 -5.91
C SER A 22 -13.51 12.38 -6.06
N ILE A 23 -13.02 12.47 -7.30
CA ILE A 23 -11.60 12.80 -7.61
C ILE A 23 -11.55 14.03 -8.52
N VAL A 24 -10.47 14.81 -8.40
CA VAL A 24 -10.19 16.02 -9.22
C VAL A 24 -8.73 15.97 -9.68
N GLY A 25 -8.39 16.69 -10.75
CA GLY A 25 -7.01 16.88 -11.24
C GLY A 25 -6.68 15.93 -12.37
N GLN A 26 -5.45 15.99 -12.88
CA GLN A 26 -4.91 15.10 -13.95
C GLN A 26 -3.40 14.99 -13.80
N GLY A 34 -1.49 15.78 -10.60
CA GLY A 34 -1.84 14.46 -10.07
C GLY A 34 -3.33 14.30 -9.88
N ILE A 35 -3.77 13.14 -9.36
CA ILE A 35 -5.19 12.83 -9.03
C ILE A 35 -5.36 12.92 -7.52
N TYR A 36 -6.32 13.73 -7.06
CA TYR A 36 -6.58 14.03 -5.62
C TYR A 36 -8.01 13.62 -5.26
N ILE A 37 -8.22 13.26 -3.98
CA ILE A 37 -9.57 13.07 -3.39
C ILE A 37 -10.25 14.44 -3.28
N GLY A 38 -11.25 14.70 -4.13
CA GLY A 38 -12.00 15.96 -4.19
C GLY A 38 -12.96 16.10 -3.01
N SER A 39 -13.63 14.99 -2.66
CA SER A 39 -14.64 14.92 -1.57
C SER A 39 -14.83 13.46 -1.15
N ILE A 40 -15.45 13.23 0.01
CA ILE A 40 -15.73 11.88 0.56
C ILE A 40 -17.22 11.77 0.89
N MET A 41 -17.90 10.75 0.34
CA MET A 41 -19.37 10.59 0.49
CA MET A 41 -19.37 10.52 0.45
C MET A 41 -19.67 9.75 1.75
N LYS A 42 -20.76 10.09 2.43
CA LYS A 42 -21.33 9.30 3.55
C LYS A 42 -21.78 7.94 3.03
N GLY A 43 -21.55 6.88 3.81
CA GLY A 43 -22.04 5.51 3.54
C GLY A 43 -21.02 4.70 2.77
N GLY A 44 -19.92 5.33 2.34
CA GLY A 44 -18.81 4.69 1.61
C GLY A 44 -17.80 4.06 2.56
N ALA A 45 -16.97 3.16 2.05
CA ALA A 45 -15.94 2.40 2.81
C ALA A 45 -14.87 3.37 3.32
N VAL A 46 -14.56 4.41 2.55
CA VAL A 46 -13.48 5.39 2.86
C VAL A 46 -13.90 6.23 4.07
N ALA A 47 -15.15 6.71 4.10
CA ALA A 47 -15.73 7.49 5.20
C ALA A 47 -15.70 6.66 6.50
N ALA A 48 -16.11 5.39 6.40
CA ALA A 48 -16.19 4.44 7.55
C ALA A 48 -14.79 4.24 8.14
N ASP A 49 -13.77 4.12 7.28
CA ASP A 49 -12.36 3.86 7.68
C ASP A 49 -11.77 5.13 8.30
N GLY A 50 -11.87 6.26 7.60
CA GLY A 50 -11.70 7.61 8.16
C GLY A 50 -10.29 8.15 7.97
N ARG A 51 -9.37 7.33 7.45
CA ARG A 51 -7.92 7.67 7.35
C ARG A 51 -7.69 8.60 6.15
N ILE A 52 -8.31 8.29 5.01
CA ILE A 52 -8.18 9.09 3.76
C ILE A 52 -9.01 10.37 3.90
N GLU A 53 -8.43 11.52 3.53
CA GLU A 53 -9.06 12.86 3.63
C GLU A 53 -9.09 13.51 2.25
N PRO A 54 -9.94 14.53 2.03
CA PRO A 54 -9.85 15.38 0.83
C PRO A 54 -8.51 16.11 0.76
N GLY A 55 -7.91 16.16 -0.43
CA GLY A 55 -6.61 16.80 -0.69
C GLY A 55 -5.48 15.79 -0.69
N ASP A 56 -5.71 14.60 -0.15
CA ASP A 56 -4.81 13.41 -0.29
C ASP A 56 -4.64 13.13 -1.79
N MET A 57 -3.38 12.91 -2.22
CA MET A 57 -3.03 12.58 -3.63
C MET A 57 -2.98 11.06 -3.79
N LEU A 58 -3.70 10.54 -4.78
CA LEU A 58 -3.80 9.10 -5.10
C LEU A 58 -2.54 8.66 -5.86
N LEU A 59 -1.73 7.77 -5.27
CA LEU A 59 -0.47 7.25 -5.88
C LEU A 59 -0.77 5.92 -6.59
N GLN A 60 -1.42 4.98 -5.90
CA GLN A 60 -1.68 3.61 -6.39
C GLN A 60 -2.97 3.07 -5.77
N VAL A 61 -3.80 2.39 -6.57
CA VAL A 61 -4.96 1.59 -6.09
C VAL A 61 -4.86 0.18 -6.68
N ASN A 62 -4.81 -0.83 -5.82
CA ASN A 62 -4.49 -2.23 -6.19
C ASN A 62 -3.22 -2.20 -7.06
N GLU A 63 -3.30 -2.63 -8.33
CA GLU A 63 -2.10 -2.85 -9.18
C GLU A 63 -1.86 -1.65 -10.10
N ILE A 64 -2.67 -0.59 -9.98
CA ILE A 64 -2.65 0.57 -10.93
C ILE A 64 -2.02 1.78 -10.24
N ASN A 65 -0.99 2.36 -10.87
CA ASN A 65 -0.37 3.66 -10.50
C ASN A 65 -1.16 4.80 -11.16
N PHE A 66 -1.39 5.89 -10.43
CA PHE A 66 -2.33 6.98 -10.83
C PHE A 66 -1.55 8.27 -11.14
N GLU A 67 -0.22 8.20 -11.22
CA GLU A 67 0.67 9.38 -11.08
C GLU A 67 0.60 10.23 -12.36
N ASN A 68 0.59 9.61 -13.54
CA ASN A 68 0.26 10.30 -14.81
C ASN A 68 -0.92 9.59 -15.49
N MET A 69 -2.13 9.93 -15.04
CA MET A 69 -3.41 9.38 -15.56
C MET A 69 -4.41 10.52 -15.73
N SER A 70 -5.14 10.54 -16.85
CA SER A 70 -6.25 11.48 -17.12
C SER A 70 -7.37 11.25 -16.09
N ASN A 71 -8.20 12.27 -15.85
CA ASN A 71 -9.35 12.21 -14.91
C ASN A 71 -10.34 11.16 -15.41
N ASP A 72 -10.58 11.13 -16.73
CA ASP A 72 -11.48 10.15 -17.40
C ASP A 72 -10.98 8.74 -17.13
N ASP A 73 -9.67 8.51 -17.31
CA ASP A 73 -9.03 7.17 -17.18
C ASP A 73 -9.10 6.74 -15.70
N ALA A 74 -8.88 7.67 -14.78
CA ALA A 74 -8.91 7.44 -13.31
C ALA A 74 -10.31 6.98 -12.88
N VAL A 75 -11.35 7.69 -13.33
CA VAL A 75 -12.78 7.36 -13.01
C VAL A 75 -13.09 5.95 -13.54
N ARG A 76 -12.69 5.67 -14.78
CA ARG A 76 -12.97 4.37 -15.47
C ARG A 76 -12.32 3.22 -14.68
N VAL A 77 -11.05 3.37 -14.32
CA VAL A 77 -10.24 2.30 -13.66
C VAL A 77 -10.82 2.04 -12.26
N LEU A 78 -11.20 3.10 -11.55
CA LEU A 78 -11.74 3.01 -10.17
C LEU A 78 -13.06 2.22 -10.17
N ARG A 79 -13.91 2.44 -11.19
CA ARG A 79 -15.21 1.73 -11.31
C ARG A 79 -14.94 0.22 -11.45
N GLU A 80 -14.01 -0.15 -12.35
CA GLU A 80 -13.67 -1.56 -12.66
C GLU A 80 -13.09 -2.22 -11.41
N ILE A 81 -12.31 -1.47 -10.62
CA ILE A 81 -11.66 -1.95 -9.37
C ILE A 81 -12.75 -2.20 -8.31
N VAL A 82 -13.70 -1.26 -8.17
CA VAL A 82 -14.79 -1.31 -7.15
C VAL A 82 -15.80 -2.37 -7.57
N HIS A 83 -15.92 -2.63 -8.88
CA HIS A 83 -16.85 -3.62 -9.48
C HIS A 83 -16.43 -5.04 -9.05
N LYS A 84 -15.13 -5.32 -9.09
CA LYS A 84 -14.53 -6.62 -8.69
C LYS A 84 -14.68 -6.81 -7.19
N PRO A 85 -15.11 -8.00 -6.72
CA PRO A 85 -15.19 -8.28 -5.29
C PRO A 85 -13.80 -8.53 -4.69
N GLY A 86 -13.60 -8.16 -3.42
CA GLY A 86 -12.34 -8.36 -2.68
C GLY A 86 -11.78 -7.04 -2.15
N PRO A 87 -10.66 -7.08 -1.39
CA PRO A 87 -10.12 -5.89 -0.74
C PRO A 87 -9.63 -4.85 -1.76
N ILE A 88 -9.69 -3.57 -1.40
CA ILE A 88 -9.09 -2.44 -2.18
C ILE A 88 -8.02 -1.76 -1.32
N THR A 89 -6.79 -1.69 -1.82
CA THR A 89 -5.64 -1.03 -1.15
C THR A 89 -5.31 0.28 -1.88
N LEU A 90 -5.40 1.40 -1.16
CA LEU A 90 -5.09 2.76 -1.69
C LEU A 90 -3.82 3.26 -1.00
N THR A 91 -2.83 3.71 -1.79
CA THR A 91 -1.61 4.39 -1.31
C THR A 91 -1.69 5.88 -1.68
N VAL A 92 -1.67 6.76 -0.68
CA VAL A 92 -1.89 8.22 -0.86
C VAL A 92 -0.73 9.01 -0.26
N ALA A 93 -0.43 10.18 -0.83
CA ALA A 93 0.48 11.20 -0.28
C ALA A 93 -0.32 12.24 0.52
N LYS A 94 -0.01 12.40 1.80
CA LYS A 94 -0.71 13.33 2.73
C LYS A 94 0.07 14.64 2.82
N SER A 95 1.13 14.79 2.01
CA SER A 95 1.93 16.03 1.87
C SER A 95 2.12 16.37 0.39
N LEU B 4 10.14 10.57 -5.76
CA LEU B 4 9.10 9.69 -5.14
C LEU B 4 9.43 8.22 -5.44
N ASN B 5 8.81 7.67 -6.49
CA ASN B 5 8.95 6.25 -6.90
C ASN B 5 8.52 5.35 -5.74
N ILE B 6 7.27 5.49 -5.30
CA ILE B 6 6.60 4.61 -4.31
C ILE B 6 5.92 3.46 -5.06
N ILE B 7 6.10 2.22 -4.60
CA ILE B 7 5.33 1.03 -5.08
C ILE B 7 4.75 0.29 -3.88
N THR B 8 3.51 -0.17 -4.00
CA THR B 8 2.81 -1.02 -3.00
C THR B 8 2.63 -2.43 -3.59
N VAL B 9 3.14 -3.44 -2.89
CA VAL B 9 3.13 -4.87 -3.32
C VAL B 9 2.26 -5.67 -2.34
N THR B 10 1.22 -6.32 -2.84
CA THR B 10 0.37 -7.26 -2.05
C THR B 10 0.74 -8.70 -2.40
N LEU B 11 1.41 -9.40 -1.48
CA LEU B 11 1.82 -10.81 -1.62
C LEU B 11 0.72 -11.72 -1.06
N ASN B 12 0.14 -12.57 -1.91
CA ASN B 12 -0.68 -13.72 -1.45
C ASN B 12 0.25 -14.82 -0.96
N MET B 13 0.20 -15.12 0.35
CA MET B 13 1.10 -16.08 1.04
C MET B 13 0.45 -17.48 1.03
N GLU B 14 -0.36 -17.77 -0.01
CA GLU B 14 -1.05 -19.07 -0.19
C GLU B 14 -0.03 -20.15 -0.56
N LYS B 15 0.97 -19.79 -1.38
CA LYS B 15 1.92 -20.75 -2.00
C LYS B 15 3.32 -20.56 -1.41
N TYR B 16 3.59 -19.39 -0.83
CA TYR B 16 4.91 -19.02 -0.27
C TYR B 16 4.82 -18.96 1.26
N ASN B 17 5.86 -19.45 1.95
CA ASN B 17 5.88 -19.68 3.41
C ASN B 17 6.42 -18.41 4.09
N PHE B 18 7.36 -17.71 3.45
CA PHE B 18 8.03 -16.50 4.00
C PHE B 18 8.16 -15.44 2.90
N LEU B 19 8.47 -14.21 3.32
CA LEU B 19 8.87 -13.07 2.45
C LEU B 19 10.22 -13.39 1.79
N GLY B 20 11.13 -14.01 2.55
CA GLY B 20 12.51 -14.31 2.11
C GLY B 20 13.30 -13.04 1.86
N ILE B 21 13.36 -12.15 2.86
CA ILE B 21 14.15 -10.88 2.83
C ILE B 21 15.00 -10.79 4.09
N SER B 22 16.11 -10.05 4.02
CA SER B 22 16.88 -9.56 5.18
C SER B 22 16.83 -8.03 5.23
N ILE B 23 16.81 -7.45 6.43
CA ILE B 23 16.74 -5.98 6.67
C ILE B 23 18.11 -5.49 7.16
N VAL B 24 18.63 -4.42 6.56
CA VAL B 24 19.93 -3.79 6.90
C VAL B 24 19.66 -2.38 7.45
N GLY B 25 18.39 -1.98 7.52
CA GLY B 25 17.94 -0.67 8.03
C GLY B 25 18.84 -0.16 9.13
N GLY B 33 18.16 6.33 10.03
CA GLY B 33 18.02 6.56 8.58
C GLY B 33 16.83 5.82 8.00
N GLY B 34 16.36 4.77 8.70
CA GLY B 34 15.15 3.99 8.32
C GLY B 34 15.48 2.53 8.12
N ILE B 35 14.51 1.77 7.57
CA ILE B 35 14.62 0.31 7.31
C ILE B 35 14.75 0.08 5.80
N TYR B 36 15.78 -0.64 5.37
CA TYR B 36 16.08 -0.93 3.93
C TYR B 36 16.14 -2.44 3.72
N ILE B 37 15.71 -2.89 2.53
CA ILE B 37 15.90 -4.30 2.05
C ILE B 37 17.40 -4.53 1.86
N GLY B 38 17.95 -5.52 2.56
CA GLY B 38 19.38 -5.91 2.49
C GLY B 38 19.63 -6.87 1.35
N SER B 39 18.85 -7.95 1.28
CA SER B 39 18.95 -9.03 0.26
C SER B 39 17.61 -9.76 0.15
N ILE B 40 17.40 -10.50 -0.94
CA ILE B 40 16.15 -11.26 -1.22
C ILE B 40 16.51 -12.72 -1.52
N MET B 41 16.01 -13.65 -0.69
CA MET B 41 16.31 -15.10 -0.78
C MET B 41 15.47 -15.72 -1.90
N LYS B 42 16.09 -16.52 -2.77
CA LYS B 42 15.40 -17.32 -3.81
C LYS B 42 14.39 -18.26 -3.13
N GLY B 43 13.19 -18.36 -3.71
CA GLY B 43 12.11 -19.26 -3.24
C GLY B 43 11.13 -18.55 -2.32
N GLY B 44 11.45 -17.31 -1.94
CA GLY B 44 10.60 -16.47 -1.08
C GLY B 44 9.50 -15.78 -1.87
N ALA B 45 8.47 -15.27 -1.18
CA ALA B 45 7.31 -14.58 -1.78
C ALA B 45 7.78 -13.33 -2.51
N VAL B 46 8.71 -12.57 -1.92
CA VAL B 46 9.22 -11.27 -2.45
C VAL B 46 9.96 -11.54 -3.77
N ALA B 47 10.82 -12.56 -3.79
CA ALA B 47 11.63 -12.97 -4.97
C ALA B 47 10.70 -13.28 -6.14
N ALA B 48 9.63 -14.05 -5.89
CA ALA B 48 8.65 -14.52 -6.89
C ALA B 48 7.98 -13.30 -7.56
N ASP B 49 7.59 -12.31 -6.76
CA ASP B 49 6.90 -11.08 -7.23
C ASP B 49 7.86 -10.25 -8.09
N GLY B 50 9.07 -9.98 -7.56
CA GLY B 50 10.23 -9.52 -8.34
C GLY B 50 10.32 -8.00 -8.37
N ARG B 51 9.34 -7.30 -7.81
CA ARG B 51 9.19 -5.82 -7.91
C ARG B 51 10.10 -5.13 -6.88
N ILE B 52 10.19 -5.70 -5.67
CA ILE B 52 11.02 -5.15 -4.55
C ILE B 52 12.48 -5.61 -4.75
N GLU B 53 13.42 -4.67 -4.62
CA GLU B 53 14.88 -4.89 -4.87
C GLU B 53 15.67 -4.46 -3.65
N PRO B 54 16.92 -4.96 -3.51
CA PRO B 54 17.81 -4.53 -2.43
C PRO B 54 18.10 -3.02 -2.51
N GLY B 55 18.04 -2.32 -1.38
CA GLY B 55 18.27 -0.86 -1.27
C GLY B 55 16.98 -0.07 -1.22
N ASP B 56 15.85 -0.70 -1.57
CA ASP B 56 14.49 -0.14 -1.40
C ASP B 56 14.24 0.10 0.10
N MET B 57 13.59 1.21 0.45
CA MET B 57 13.28 1.60 1.84
C MET B 57 11.85 1.15 2.19
N LEU B 58 11.70 0.40 3.28
CA LEU B 58 10.42 -0.17 3.76
C LEU B 58 9.68 0.90 4.58
N LEU B 59 8.53 1.36 4.08
CA LEU B 59 7.72 2.45 4.70
C LEU B 59 6.65 1.84 5.61
N GLN B 60 5.98 0.77 5.16
CA GLN B 60 4.80 0.20 5.82
C GLN B 60 4.66 -1.29 5.46
N VAL B 61 4.34 -2.13 6.44
CA VAL B 61 3.95 -3.55 6.24
C VAL B 61 2.60 -3.77 6.93
N ASN B 62 1.57 -4.14 6.17
CA ASN B 62 0.16 -4.18 6.64
C ASN B 62 -0.17 -2.84 7.30
N GLU B 63 -0.50 -2.85 8.59
CA GLU B 63 -1.02 -1.66 9.31
C GLU B 63 0.12 -0.92 10.03
N ILE B 64 1.34 -1.47 9.99
CA ILE B 64 2.51 -0.97 10.79
C ILE B 64 3.39 -0.08 9.91
N ASN B 65 3.68 1.12 10.40
CA ASN B 65 4.65 2.09 9.80
C ASN B 65 6.06 1.75 10.29
N PHE B 66 7.04 1.75 9.39
CA PHE B 66 8.42 1.24 9.64
C PHE B 66 9.44 2.38 9.62
N GLU B 67 8.98 3.64 9.55
CA GLU B 67 9.84 4.81 9.24
C GLU B 67 10.77 5.13 10.42
N ASN B 68 10.32 4.84 11.65
CA ASN B 68 11.07 5.17 12.89
C ASN B 68 11.08 3.94 13.81
N MET B 69 11.52 2.80 13.27
CA MET B 69 11.59 1.50 14.01
C MET B 69 13.06 1.05 14.06
N SER B 70 13.50 0.53 15.21
CA SER B 70 14.82 -0.13 15.41
C SER B 70 14.88 -1.41 14.57
N ASN B 71 16.09 -1.85 14.22
CA ASN B 71 16.32 -3.08 13.43
C ASN B 71 15.71 -4.28 14.17
N ASP B 72 15.93 -4.36 15.48
CA ASP B 72 15.46 -5.48 16.35
C ASP B 72 13.93 -5.52 16.32
N ASP B 73 13.27 -4.37 16.46
CA ASP B 73 11.79 -4.24 16.52
C ASP B 73 11.20 -4.57 15.15
N ALA B 74 11.83 -4.09 14.07
CA ALA B 74 11.40 -4.31 12.67
C ALA B 74 11.42 -5.82 12.36
N VAL B 75 12.48 -6.52 12.78
CA VAL B 75 12.67 -7.98 12.55
C VAL B 75 11.55 -8.74 13.28
N ARG B 76 11.28 -8.38 14.54
CA ARG B 76 10.26 -9.04 15.40
C ARG B 76 8.87 -8.81 14.79
N VAL B 77 8.56 -7.58 14.38
CA VAL B 77 7.24 -7.19 13.82
C VAL B 77 6.99 -7.98 12.53
N LEU B 78 8.02 -8.08 11.68
CA LEU B 78 7.97 -8.83 10.40
C LEU B 78 7.72 -10.33 10.69
N ARG B 79 8.38 -10.86 11.72
CA ARG B 79 8.21 -12.27 12.16
C ARG B 79 6.74 -12.51 12.54
N GLU B 80 6.16 -11.62 13.35
CA GLU B 80 4.77 -11.72 13.85
C GLU B 80 3.80 -11.69 12.66
N ILE B 81 4.06 -10.81 11.69
CA ILE B 81 3.17 -10.58 10.50
C ILE B 81 3.18 -11.83 9.62
N VAL B 82 4.36 -12.40 9.39
CA VAL B 82 4.55 -13.60 8.50
C VAL B 82 3.87 -14.81 9.17
N HIS B 83 3.69 -14.77 10.49
CA HIS B 83 3.26 -15.94 11.30
C HIS B 83 1.74 -15.91 11.53
N LYS B 84 1.03 -14.90 11.02
CA LYS B 84 -0.46 -14.94 10.96
C LYS B 84 -0.92 -15.07 9.52
N PRO B 85 -2.17 -15.58 9.32
CA PRO B 85 -2.68 -15.86 7.98
C PRO B 85 -3.10 -14.59 7.24
N GLY B 86 -3.26 -14.69 5.92
CA GLY B 86 -3.76 -13.60 5.06
C GLY B 86 -2.64 -12.95 4.25
N PRO B 87 -2.97 -12.09 3.28
CA PRO B 87 -1.96 -11.47 2.42
C PRO B 87 -1.15 -10.40 3.18
N ILE B 88 0.10 -10.18 2.75
CA ILE B 88 1.01 -9.14 3.31
C ILE B 88 1.17 -8.02 2.27
N THR B 89 0.91 -6.78 2.67
CA THR B 89 1.06 -5.57 1.82
C THR B 89 2.29 -4.78 2.29
N LEU B 90 3.27 -4.63 1.39
CA LEU B 90 4.52 -3.85 1.65
C LEU B 90 4.51 -2.59 0.78
N THR B 91 4.71 -1.42 1.40
CA THR B 91 4.93 -0.13 0.71
C THR B 91 6.40 0.25 0.84
N VAL B 92 7.09 0.42 -0.30
CA VAL B 92 8.55 0.74 -0.34
C VAL B 92 8.78 1.98 -1.22
N ALA B 93 9.74 2.80 -0.82
CA ALA B 93 10.33 3.90 -1.64
C ALA B 93 11.56 3.36 -2.37
N LYS B 94 11.50 3.26 -3.70
CA LYS B 94 12.58 2.68 -4.55
C LYS B 94 13.79 3.61 -4.52
N SER B 95 14.99 3.03 -4.40
CA SER B 95 16.30 3.73 -4.53
C SER B 95 16.42 4.36 -5.92
CAK QEZ C . -20.29 1.99 -7.30
CAK QEZ C . -18.18 4.89 -10.14
CAU QEZ C . -21.42 2.02 -6.48
CAU QEZ C . -18.42 6.25 -10.31
CAO QEZ C . -22.07 0.70 -6.10
CAO QEZ C . -17.98 6.89 -11.63
CAM QEZ C . -23.50 0.92 -5.59
CAM QEZ C . -18.19 8.42 -11.66
CAL QEZ C . -23.54 2.04 -4.54
CAL QEZ C . -18.16 9.05 -10.25
CAN QEZ C . -23.13 3.38 -5.14
CAN QEZ C . -19.27 8.46 -9.38
CAT QEZ C . -21.90 3.24 -6.04
CAT QEZ C . -19.02 6.97 -9.28
CAH QEZ C . -21.26 4.42 -6.42
CAH QEZ C . -19.38 6.33 -8.10
CAG QEZ C . -20.14 4.38 -7.23
CAG QEZ C . -19.14 4.98 -7.94
CAS QEZ C . -19.64 3.18 -7.67
CAS QEZ C . -18.65 4.24 -9.00
SAX QEZ C . -18.24 3.14 -8.73
SAX QEZ C . -18.21 2.60 -8.67
OAB QEZ C . -18.03 1.71 -9.15
OAB QEZ C . -19.22 1.95 -7.76
OAC QEZ C . -18.49 3.99 -9.94
OAC QEZ C . -18.06 1.83 -9.94
NAP QEZ C . -16.90 3.67 -7.94
NAP QEZ C . -16.77 2.82 -7.92
CAV QEZ C . -16.30 4.85 -8.18
CAV QEZ C . -16.24 4.04 -8.06
CAI QEZ C . -15.84 5.21 -9.44
CAI QEZ C . -15.87 4.46 -9.32
CAF QEZ C . -15.13 6.41 -9.62
CAF QEZ C . -15.42 5.76 -9.53
CAR QEZ C . -14.82 7.21 -8.52
CAR QEZ C . -15.40 6.67 -8.48
BR QEZ C . -13.85 8.83 -8.70
BR QEZ C . -14.80 8.44 -8.76
CAJ QEZ C . -15.23 6.82 -7.26
CAJ QEZ C . -15.83 6.27 -7.22
CAW QEZ C . -15.95 5.63 -7.08
CAW QEZ C . -16.29 4.97 -7.01
CAQ QEZ C . -16.39 5.21 -5.69
CAQ QEZ C . -16.76 4.57 -5.61
OAD QEZ C . -16.56 4.00 -5.46
OAD QEZ C . -16.79 3.36 -5.33
OAA QEZ C . -16.55 6.12 -4.84
OAA QEZ C . -17.05 5.49 -4.82
CAK QEZ D . 11.90 -16.90 7.93
CAU QEZ D . 13.18 -17.24 7.46
CAO QEZ D . 13.28 -18.23 6.32
CAM QEZ D . 14.46 -17.81 5.44
CAL QEZ D . 15.78 -17.78 6.23
CAN QEZ D . 15.72 -16.93 7.51
CAT QEZ D . 14.30 -16.62 7.99
CAH QEZ D . 14.15 -15.69 9.02
CAG QEZ D . 12.90 -15.38 9.51
CAS QEZ D . 11.77 -15.98 8.97
SAX QEZ D . 10.19 -15.54 9.56
OAB QEZ D . 9.21 -16.62 9.23
OAC QEZ D . 10.24 -15.35 11.04
NAP QEZ D . 9.74 -14.14 8.85
CAV QEZ D . 10.61 -13.14 8.73
CAI QEZ D . 11.01 -12.43 9.86
CAF QEZ D . 11.93 -11.40 9.76
CAR QEZ D . 12.47 -11.06 8.53
BR QEZ D . 13.72 -9.66 8.38
CAJ QEZ D . 12.08 -11.77 7.39
CAW QEZ D . 11.16 -12.80 7.49
CAQ QEZ D . 10.75 -13.56 6.22
OAD QEZ D . 9.64 -14.13 6.20
OAA QEZ D . 11.55 -13.53 5.26
#